data_1W31
#
_entry.id   1W31
#
_cell.length_a   102.570
_cell.length_b   102.570
_cell.length_c   168.380
_cell.angle_alpha   90.00
_cell.angle_beta   90.00
_cell.angle_gamma   90.00
#
_symmetry.space_group_name_H-M   'I 4 2 2'
#
loop_
_entity.id
_entity.type
_entity.pdbx_description
1 polymer 'DELTA-AMINOLEVULINIC ACID DEHYDRATASE'
2 non-polymer '5-HYDROXYLAEVULINIC ACID'
3 non-polymer 'ZINC ION'
4 water water
#
_entity_poly.entity_id   1
_entity_poly.type   'polypeptide(L)'
_entity_poly.pdbx_seq_one_letter_code
;MHTAEFLETEPTEISSVLAGGYNHPLLRQWQSERQLTKNMLIFPLFISDNPDDFTEIDSLPNINRIGVNRLKDYLKPLVA
KGLRSVILFGVPLIPGTKDPVGTAADDPAGPVIQGIKFIREYFPELYIICDVCLCEYTSHGHCGVLYDDGTINRERSVSR
LAAVAVNYAKAGAHCVAPSDMIDGRIRDIKRGLINANLAHKTFVLSYAAKFSGNLYGPFRDAACSAPSNGDRKCYQLPPA
GRGLARRALERDMSEGADGIIVKPSTFYLDIMRDASEICKDLPICAYHVSGEYAMLHAAAEKGVVDLKTIAFESHQGFLR
AGARLIITYLAPEFLDWLDEEN
;
_entity_poly.pdbx_strand_id   A
#
loop_
_chem_comp.id
_chem_comp.type
_chem_comp.name
_chem_comp.formula
SHO non-polymer '5-HYDROXYLAEVULINIC ACID' 'C5 H10 O3'
ZN non-polymer 'ZINC ION' 'Zn 2'
#
# COMPACT_ATOMS: atom_id res chain seq x y z
N MET A 1 -35.55 -39.32 -34.16
CA MET A 1 -35.30 -37.89 -33.97
C MET A 1 -34.73 -37.61 -32.59
N HIS A 2 -33.61 -36.89 -32.54
CA HIS A 2 -33.01 -36.57 -31.24
C HIS A 2 -33.96 -35.72 -30.40
N THR A 3 -34.35 -36.23 -29.23
CA THR A 3 -35.25 -35.52 -28.34
C THR A 3 -34.62 -35.31 -26.97
N ALA A 4 -35.07 -34.25 -26.29
CA ALA A 4 -34.55 -33.93 -24.96
C ALA A 4 -34.78 -35.06 -23.98
N GLU A 5 -33.70 -35.48 -23.32
CA GLU A 5 -33.78 -36.55 -22.34
C GLU A 5 -33.71 -36.01 -20.92
N PHE A 6 -34.59 -36.52 -20.07
CA PHE A 6 -34.65 -36.12 -18.67
C PHE A 6 -34.49 -37.33 -17.75
N LEU A 7 -33.42 -37.33 -16.97
CA LEU A 7 -33.13 -38.43 -16.07
C LEU A 7 -34.07 -38.44 -14.87
N GLU A 8 -34.23 -39.62 -14.28
CA GLU A 8 -35.06 -39.80 -13.09
C GLU A 8 -34.31 -39.22 -11.87
N THR A 9 -34.84 -38.16 -11.27
CA THR A 9 -34.19 -37.54 -10.13
C THR A 9 -34.83 -37.93 -8.81
N GLU A 10 -34.01 -37.84 -7.77
CA GLU A 10 -34.44 -38.11 -6.39
C GLU A 10 -34.93 -36.80 -5.75
N PRO A 11 -35.60 -36.91 -4.61
CA PRO A 11 -36.07 -35.68 -3.95
C PRO A 11 -34.88 -34.78 -3.62
N THR A 12 -35.09 -33.47 -3.75
CA THR A 12 -34.02 -32.50 -3.49
C THR A 12 -33.53 -32.60 -2.04
N GLU A 13 -32.22 -32.62 -1.89
CA GLU A 13 -31.64 -32.65 -0.53
C GLU A 13 -31.49 -31.22 -0.01
N ILE A 14 -31.95 -30.95 1.20
CA ILE A 14 -31.85 -29.60 1.76
C ILE A 14 -30.42 -29.09 1.75
N SER A 15 -29.47 -29.99 2.02
CA SER A 15 -28.06 -29.64 2.06
C SER A 15 -27.58 -29.14 0.70
N SER A 16 -28.37 -29.35 -0.34
CA SER A 16 -27.99 -28.91 -1.69
C SER A 16 -28.42 -27.47 -1.93
N VAL A 17 -29.47 -27.05 -1.23
CA VAL A 17 -30.08 -25.75 -1.38
C VAL A 17 -29.37 -24.62 -0.68
N LEU A 18 -28.68 -23.79 -1.45
CA LEU A 18 -27.96 -22.64 -0.95
C LEU A 18 -28.55 -21.33 -1.51
N ALA A 19 -29.27 -21.46 -2.62
CA ALA A 19 -29.90 -20.37 -3.32
C ALA A 19 -30.74 -19.46 -2.46
N GLY A 20 -31.32 -19.97 -1.37
CA GLY A 20 -32.14 -19.13 -0.54
C GLY A 20 -31.41 -18.00 0.15
N GLY A 21 -30.08 -18.03 0.12
CA GLY A 21 -29.29 -17.01 0.77
C GLY A 21 -28.78 -15.87 -0.06
N TYR A 22 -28.99 -15.89 -1.37
CA TYR A 22 -28.50 -14.79 -2.21
C TYR A 22 -29.38 -14.57 -3.42
N ASN A 23 -30.70 -14.57 -3.22
CA ASN A 23 -31.64 -14.39 -4.32
C ASN A 23 -32.08 -12.93 -4.45
N HIS A 24 -31.71 -12.11 -3.46
CA HIS A 24 -32.10 -10.70 -3.48
C HIS A 24 -30.87 -9.80 -3.41
N PRO A 25 -30.97 -8.59 -3.97
CA PRO A 25 -29.87 -7.64 -3.98
C PRO A 25 -29.35 -7.36 -2.58
N LEU A 26 -30.25 -7.18 -1.61
CA LEU A 26 -29.83 -6.91 -0.24
C LEU A 26 -29.01 -8.06 0.33
N LEU A 27 -29.39 -9.28 -0.05
CA LEU A 27 -28.70 -10.48 0.40
C LEU A 27 -27.24 -10.48 -0.03
N ARG A 28 -26.95 -9.84 -1.15
CA ARG A 28 -25.58 -9.77 -1.64
C ARG A 28 -24.69 -9.07 -0.61
N GLN A 29 -25.31 -8.13 0.10
CA GLN A 29 -24.63 -7.37 1.14
C GLN A 29 -24.51 -8.19 2.43
N TRP A 30 -25.61 -8.84 2.79
CA TRP A 30 -25.65 -9.66 3.99
C TRP A 30 -24.62 -10.79 3.90
N GLN A 31 -24.36 -11.22 2.67
CA GLN A 31 -23.43 -12.30 2.40
C GLN A 31 -21.98 -11.86 2.44
N SER A 32 -21.75 -10.56 2.57
CA SER A 32 -20.37 -10.05 2.62
C SER A 32 -19.85 -10.03 4.05
N GLU A 33 -18.68 -10.62 4.24
CA GLU A 33 -18.06 -10.66 5.57
C GLU A 33 -17.63 -9.26 6.01
N ARG A 34 -17.52 -8.36 5.04
CA ARG A 34 -17.12 -6.98 5.34
C ARG A 34 -17.53 -6.03 4.23
N GLN A 35 -18.13 -4.91 4.60
CA GLN A 35 -18.59 -3.93 3.63
C GLN A 35 -17.61 -2.78 3.47
N LEU A 36 -17.51 -2.30 2.23
CA LEU A 36 -16.65 -1.22 1.82
C LEU A 36 -17.13 0.13 2.33
N THR A 37 -16.28 0.82 3.08
CA THR A 37 -16.58 2.13 3.63
C THR A 37 -15.47 3.12 3.32
N LYS A 38 -15.77 4.42 3.37
CA LYS A 38 -14.84 5.48 3.07
C LYS A 38 -13.61 5.49 3.94
N ASN A 39 -13.75 5.30 5.26
CA ASN A 39 -12.62 5.34 6.16
C ASN A 39 -11.70 4.15 6.00
N MET A 40 -11.92 3.32 5.00
CA MET A 40 -11.08 2.14 4.78
C MET A 40 -10.02 2.44 3.70
N LEU A 41 -10.24 3.54 3.00
CA LEU A 41 -9.39 3.95 1.90
C LEU A 41 -8.23 4.82 2.37
N ILE A 42 -7.09 4.57 1.74
CA ILE A 42 -5.85 5.30 1.97
C ILE A 42 -5.27 5.75 0.62
N PHE A 43 -5.31 7.05 0.38
CA PHE A 43 -4.83 7.62 -0.87
C PHE A 43 -3.34 7.91 -0.83
N PRO A 44 -2.61 7.42 -1.84
CA PRO A 44 -1.16 7.68 -1.88
C PRO A 44 -0.87 9.10 -2.36
N LEU A 45 0.20 9.68 -1.83
CA LEU A 45 0.60 11.03 -2.20
C LEU A 45 2.09 11.09 -2.54
N PHE A 46 2.38 11.61 -3.73
CA PHE A 46 3.77 11.75 -4.17
C PHE A 46 4.18 13.22 -4.08
N ILE A 47 4.86 13.56 -2.99
CA ILE A 47 5.31 14.91 -2.74
C ILE A 47 6.66 15.21 -3.37
N SER A 48 6.71 16.28 -4.16
CA SER A 48 7.96 16.66 -4.82
C SER A 48 8.67 17.77 -4.04
N ASP A 49 9.98 17.92 -4.26
CA ASP A 49 10.72 18.95 -3.57
C ASP A 49 10.53 20.32 -4.18
N ASN A 50 9.64 20.39 -5.17
CA ASN A 50 9.27 21.64 -5.84
C ASN A 50 7.84 22.03 -5.41
N PRO A 51 7.75 22.99 -4.48
CA PRO A 51 6.53 23.50 -3.90
C PRO A 51 5.42 23.79 -4.88
N ASP A 52 5.74 24.21 -6.11
CA ASP A 52 4.68 24.50 -7.06
C ASP A 52 4.45 23.36 -8.02
N ASP A 53 5.12 22.25 -7.78
CA ASP A 53 4.99 21.06 -8.62
C ASP A 53 3.55 20.58 -8.71
N PHE A 54 3.28 19.86 -9.78
CA PHE A 54 1.99 19.25 -10.09
C PHE A 54 2.03 18.62 -11.49
N THR A 55 3.01 17.74 -11.66
CA THR A 55 3.23 17.01 -12.90
C THR A 55 2.45 15.71 -12.94
N GLU A 56 1.95 15.34 -14.12
CA GLU A 56 1.18 14.10 -14.25
C GLU A 56 2.11 12.92 -14.49
N ILE A 57 1.93 11.84 -13.72
CA ILE A 57 2.77 10.66 -13.89
C ILE A 57 2.32 9.87 -15.12
N ASP A 58 3.27 9.57 -15.99
CA ASP A 58 3.11 8.84 -17.23
C ASP A 58 2.18 7.62 -17.03
N SER A 59 2.84 6.59 -16.53
CA SER A 59 2.37 5.26 -16.23
C SER A 59 1.32 5.26 -15.12
N LEU A 60 1.06 6.43 -14.55
CA LEU A 60 0.07 6.55 -13.48
C LEU A 60 -1.04 7.51 -13.88
N PRO A 61 -2.10 6.95 -14.47
CA PRO A 61 -3.25 7.72 -14.94
C PRO A 61 -3.97 8.44 -13.81
N ASN A 62 -4.18 9.74 -13.99
CA ASN A 62 -4.88 10.58 -13.04
C ASN A 62 -4.09 10.84 -11.77
N ILE A 63 -2.83 10.40 -11.73
CA ILE A 63 -2.00 10.62 -10.55
C ILE A 63 -0.85 11.56 -10.87
N ASN A 64 -0.56 12.50 -9.98
CA ASN A 64 0.50 13.48 -10.22
C ASN A 64 1.48 13.58 -9.06
N ARG A 65 2.57 14.26 -9.37
CA ARG A 65 3.66 14.60 -8.45
C ARG A 65 3.43 16.05 -7.98
N ILE A 66 2.97 16.22 -6.75
CA ILE A 66 2.61 17.53 -6.23
C ILE A 66 3.63 18.12 -5.27
N GLY A 67 3.66 19.45 -5.29
CA GLY A 67 4.52 20.22 -4.41
C GLY A 67 3.61 20.75 -3.31
N VAL A 68 4.17 21.08 -2.17
CA VAL A 68 3.43 21.57 -1.01
C VAL A 68 2.46 22.67 -1.35
N ASN A 69 2.85 23.60 -2.21
CA ASN A 69 2.00 24.71 -2.59
C ASN A 69 0.75 24.32 -3.33
N ARG A 70 0.62 23.06 -3.74
CA ARG A 70 -0.56 22.63 -4.47
C ARG A 70 -1.38 21.62 -3.68
N LEU A 71 -0.82 21.13 -2.59
CA LEU A 71 -1.45 20.14 -1.74
C LEU A 71 -2.84 20.57 -1.30
N LYS A 72 -2.93 21.71 -0.62
CA LYS A 72 -4.14 22.27 -0.09
C LYS A 72 -5.32 22.24 -1.05
N ASP A 73 -5.12 22.75 -2.26
CA ASP A 73 -6.21 22.78 -3.24
C ASP A 73 -6.50 21.38 -3.77
N TYR A 74 -5.55 20.47 -3.58
CA TYR A 74 -5.70 19.10 -4.06
C TYR A 74 -6.38 18.21 -3.03
N LEU A 75 -6.11 18.43 -1.75
CA LEU A 75 -6.66 17.63 -0.69
C LEU A 75 -8.03 18.10 -0.21
N LYS A 76 -8.31 19.40 -0.27
CA LYS A 76 -9.54 19.99 0.16
C LYS A 76 -10.78 19.25 -0.29
N PRO A 77 -10.93 19.01 -1.59
CA PRO A 77 -12.11 18.31 -2.10
C PRO A 77 -12.16 16.86 -1.63
N LEU A 78 -11.02 16.19 -1.64
CA LEU A 78 -10.95 14.79 -1.21
C LEU A 78 -11.36 14.64 0.24
N VAL A 79 -10.84 15.51 1.10
CA VAL A 79 -11.15 15.46 2.52
C VAL A 79 -12.64 15.72 2.75
N ALA A 80 -13.20 16.64 1.99
CA ALA A 80 -14.61 16.97 2.10
C ALA A 80 -15.47 15.80 1.64
N LYS A 81 -14.90 14.96 0.80
CA LYS A 81 -15.56 13.79 0.26
C LYS A 81 -15.52 12.62 1.24
N GLY A 82 -14.74 12.76 2.30
CA GLY A 82 -14.65 11.69 3.28
C GLY A 82 -13.29 11.05 3.45
N LEU A 83 -12.27 11.56 2.77
CA LEU A 83 -10.94 10.97 2.92
C LEU A 83 -10.47 11.09 4.37
N ARG A 84 -9.94 9.99 4.92
CA ARG A 84 -9.49 9.99 6.30
C ARG A 84 -8.02 9.68 6.44
N SER A 85 -7.36 9.19 5.39
CA SER A 85 -5.94 8.87 5.55
C SER A 85 -5.18 8.97 4.24
N VAL A 86 -3.89 9.23 4.36
CA VAL A 86 -2.99 9.34 3.22
C VAL A 86 -1.63 8.70 3.52
N ILE A 87 -0.97 8.22 2.49
CA ILE A 87 0.36 7.63 2.61
C ILE A 87 1.35 8.41 1.73
N LEU A 88 2.27 9.09 2.39
CA LEU A 88 3.24 9.96 1.78
C LEU A 88 4.46 9.26 1.21
N PHE A 89 4.80 9.67 0.00
CA PHE A 89 5.95 9.22 -0.76
C PHE A 89 6.77 10.43 -1.22
N GLY A 90 8.02 10.51 -0.80
CA GLY A 90 8.86 11.63 -1.17
C GLY A 90 9.52 11.51 -2.54
N VAL A 91 9.57 12.62 -3.26
CA VAL A 91 10.18 12.63 -4.59
C VAL A 91 11.10 13.84 -4.76
N PRO A 92 12.29 13.75 -4.17
CA PRO A 92 13.29 14.82 -4.26
C PRO A 92 13.91 14.88 -5.65
N LEU A 93 13.70 15.99 -6.34
CA LEU A 93 14.20 16.19 -7.69
C LEU A 93 15.46 17.05 -7.72
N ILE A 94 15.69 17.80 -6.65
CA ILE A 94 16.87 18.66 -6.60
C ILE A 94 18.16 17.85 -6.71
N PRO A 95 19.05 18.29 -7.59
CA PRO A 95 20.34 17.64 -7.85
C PRO A 95 21.24 17.63 -6.62
N GLY A 96 22.05 16.59 -6.51
CA GLY A 96 22.96 16.45 -5.40
C GLY A 96 22.28 16.11 -4.09
N THR A 97 21.02 15.75 -4.15
CA THR A 97 20.23 15.42 -2.97
C THR A 97 20.40 13.97 -2.56
N LYS A 98 20.54 13.07 -3.53
CA LYS A 98 20.69 11.66 -3.24
C LYS A 98 22.12 11.28 -2.94
N ASP A 99 22.28 10.21 -2.17
CA ASP A 99 23.58 9.69 -1.79
C ASP A 99 23.53 8.23 -1.41
N PRO A 100 24.66 7.68 -0.97
CA PRO A 100 24.79 6.27 -0.63
C PRO A 100 24.09 5.85 0.64
N VAL A 101 23.69 6.80 1.48
CA VAL A 101 23.02 6.45 2.73
C VAL A 101 21.66 7.10 2.86
N GLY A 102 21.05 7.51 1.75
CA GLY A 102 19.74 8.14 1.81
C GLY A 102 19.61 9.20 2.88
N THR A 103 20.62 10.06 2.98
CA THR A 103 20.65 11.15 3.95
C THR A 103 19.41 12.01 3.87
N ALA A 104 18.97 12.32 2.65
CA ALA A 104 17.83 13.15 2.39
C ALA A 104 16.52 12.55 2.86
N ALA A 105 16.50 11.26 3.16
CA ALA A 105 15.32 10.55 3.60
C ALA A 105 14.56 11.27 4.70
N ASP A 106 15.26 11.65 5.78
CA ASP A 106 14.61 12.35 6.88
C ASP A 106 14.98 13.83 6.90
N ASP A 107 15.27 14.38 5.72
CA ASP A 107 15.61 15.81 5.67
C ASP A 107 14.39 16.63 6.09
N PRO A 108 14.53 17.39 7.19
CA PRO A 108 13.40 18.19 7.67
C PRO A 108 12.87 19.12 6.58
N ALA A 109 13.73 19.46 5.63
CA ALA A 109 13.36 20.34 4.53
C ALA A 109 12.87 19.55 3.32
N GLY A 110 12.90 18.23 3.43
CA GLY A 110 12.47 17.37 2.34
C GLY A 110 10.96 17.38 2.19
N PRO A 111 10.47 16.81 1.07
CA PRO A 111 9.06 16.75 0.75
C PRO A 111 8.22 16.02 1.79
N VAL A 112 8.67 14.83 2.22
CA VAL A 112 7.92 14.06 3.19
C VAL A 112 7.65 14.84 4.47
N ILE A 113 8.70 15.19 5.21
CA ILE A 113 8.52 15.93 6.44
C ILE A 113 7.83 17.26 6.22
N GLN A 114 8.06 17.88 5.07
CA GLN A 114 7.39 19.15 4.78
C GLN A 114 5.89 18.92 4.61
N GLY A 115 5.56 17.79 3.99
CA GLY A 115 4.17 17.45 3.76
C GLY A 115 3.45 17.12 5.05
N ILE A 116 4.16 16.46 5.96
CA ILE A 116 3.58 16.10 7.25
C ILE A 116 3.18 17.37 8.02
N LYS A 117 4.14 18.28 8.12
CA LYS A 117 3.91 19.55 8.81
C LYS A 117 2.77 20.33 8.16
N PHE A 118 2.71 20.27 6.84
CA PHE A 118 1.67 20.96 6.09
C PHE A 118 0.29 20.37 6.36
N ILE A 119 0.20 19.05 6.28
CA ILE A 119 -1.06 18.36 6.51
C ILE A 119 -1.53 18.46 7.95
N ARG A 120 -0.60 18.35 8.90
CA ARG A 120 -0.95 18.42 10.30
C ARG A 120 -1.55 19.77 10.70
N GLU A 121 -1.28 20.80 9.92
CA GLU A 121 -1.77 22.13 10.23
C GLU A 121 -3.03 22.50 9.46
N TYR A 122 -3.09 22.12 8.18
CA TYR A 122 -4.24 22.43 7.37
C TYR A 122 -5.31 21.36 7.42
N PHE A 123 -4.93 20.13 7.76
CA PHE A 123 -5.87 19.02 7.86
C PHE A 123 -5.56 18.15 9.09
N PRO A 124 -5.71 18.75 10.28
CA PRO A 124 -5.41 18.05 11.53
C PRO A 124 -6.26 16.83 11.75
N GLU A 125 -7.23 16.55 10.88
CA GLU A 125 -8.09 15.39 11.07
C GLU A 125 -7.71 14.24 10.16
N LEU A 126 -6.75 14.46 9.28
CA LEU A 126 -6.31 13.41 8.36
C LEU A 126 -5.29 12.50 9.03
N TYR A 127 -5.38 11.20 8.78
CA TYR A 127 -4.43 10.25 9.36
C TYR A 127 -3.21 10.14 8.45
N ILE A 128 -2.04 10.54 8.93
CA ILE A 128 -0.86 10.56 8.11
C ILE A 128 0.02 9.34 8.22
N ILE A 129 0.12 8.63 7.10
CA ILE A 129 0.95 7.45 6.98
C ILE A 129 2.16 7.77 6.09
N CYS A 130 3.35 7.34 6.50
CA CYS A 130 4.54 7.62 5.71
C CYS A 130 5.24 6.35 5.26
N ASP A 131 5.46 6.19 3.95
CA ASP A 131 6.20 4.97 3.55
C ASP A 131 7.64 5.11 4.07
N VAL A 132 8.23 4.02 4.54
CA VAL A 132 9.60 4.14 5.04
C VAL A 132 10.56 3.30 4.22
N CYS A 133 11.44 4.00 3.49
CA CYS A 133 12.45 3.39 2.65
C CYS A 133 13.52 4.37 2.23
N LEU A 134 14.56 3.85 1.57
CA LEU A 134 15.67 4.68 1.12
C LEU A 134 15.85 4.58 -0.39
N CYS A 135 15.02 3.78 -1.06
CA CYS A 135 15.11 3.61 -2.50
C CYS A 135 15.07 4.93 -3.24
N GLU A 136 14.14 5.80 -2.88
CA GLU A 136 14.00 7.09 -3.52
C GLU A 136 15.02 8.11 -3.05
N TYR A 137 15.93 7.73 -2.16
CA TYR A 137 16.91 8.68 -1.66
C TYR A 137 18.33 8.21 -1.84
N THR A 138 18.53 7.00 -2.36
CA THR A 138 19.88 6.48 -2.56
C THR A 138 20.37 6.74 -3.98
N SER A 139 21.69 6.84 -4.12
CA SER A 139 22.32 7.08 -5.42
C SER A 139 22.09 5.90 -6.35
N HIS A 140 22.02 4.71 -5.77
CA HIS A 140 21.81 3.48 -6.53
C HIS A 140 20.34 3.25 -6.84
N GLY A 141 19.47 3.61 -5.91
CA GLY A 141 18.05 3.43 -6.14
C GLY A 141 17.48 2.25 -5.38
N HIS A 142 18.33 1.53 -4.67
CA HIS A 142 17.88 0.38 -3.90
C HIS A 142 17.25 0.80 -2.58
N CYS A 143 16.51 -0.10 -1.94
CA CYS A 143 15.84 0.19 -0.69
C CYS A 143 16.74 0.25 0.51
N GLY A 144 18.07 0.21 0.35
CA GLY A 144 18.90 0.28 1.54
C GLY A 144 20.37 0.56 1.30
N VAL A 145 21.16 0.48 2.36
CA VAL A 145 22.60 0.70 2.28
C VAL A 145 23.30 -0.56 1.79
N LEU A 146 23.90 -0.49 0.60
CA LEU A 146 24.55 -1.62 -0.02
C LEU A 146 25.99 -1.80 0.44
N TYR A 147 26.42 -3.06 0.50
CA TYR A 147 27.83 -3.39 0.79
C TYR A 147 28.69 -2.94 -0.39
N ASP A 148 29.99 -3.22 -0.36
CA ASP A 148 30.84 -2.80 -1.48
C ASP A 148 30.50 -3.58 -2.75
N ASP A 149 30.06 -4.82 -2.59
CA ASP A 149 29.72 -5.67 -3.71
C ASP A 149 28.42 -5.25 -4.38
N GLY A 150 27.50 -4.69 -3.61
CA GLY A 150 26.24 -4.27 -4.20
C GLY A 150 25.03 -4.81 -3.43
N THR A 151 25.23 -5.93 -2.75
CA THR A 151 24.16 -6.54 -1.96
C THR A 151 23.90 -5.72 -0.69
N ILE A 152 22.65 -5.67 -0.26
CA ILE A 152 22.25 -4.91 0.91
C ILE A 152 23.02 -5.26 2.17
N ASN A 153 23.20 -4.24 2.99
CA ASN A 153 23.87 -4.36 4.28
C ASN A 153 22.84 -4.12 5.42
N ARG A 154 22.13 -5.18 5.76
CA ARG A 154 21.10 -5.25 6.75
C ARG A 154 21.35 -4.36 7.96
N GLU A 155 22.47 -4.59 8.62
CA GLU A 155 22.87 -3.85 9.80
C GLU A 155 22.80 -2.34 9.61
N ARG A 156 23.58 -1.81 8.67
CA ARG A 156 23.58 -0.37 8.42
C ARG A 156 22.24 0.10 7.88
N SER A 157 21.68 -0.69 6.98
CA SER A 157 20.40 -0.37 6.37
C SER A 157 19.31 -0.19 7.42
N VAL A 158 19.03 -1.25 8.18
CA VAL A 158 18.01 -1.18 9.22
C VAL A 158 18.31 -0.07 10.22
N SER A 159 19.60 0.11 10.51
CA SER A 159 20.02 1.15 11.45
C SER A 159 19.58 2.53 10.92
N ARG A 160 19.72 2.69 9.61
CA ARG A 160 19.35 3.92 8.94
C ARG A 160 17.83 4.07 8.86
N LEU A 161 17.15 3.00 8.46
CA LEU A 161 15.70 2.98 8.31
C LEU A 161 15.00 3.31 9.61
N ALA A 162 15.54 2.79 10.72
CA ALA A 162 14.94 3.06 12.03
C ALA A 162 14.99 4.55 12.35
N ALA A 163 16.10 5.18 11.99
CA ALA A 163 16.27 6.61 12.22
C ALA A 163 15.23 7.41 11.43
N VAL A 164 15.08 7.05 10.16
CA VAL A 164 14.14 7.68 9.25
C VAL A 164 12.71 7.59 9.78
N ALA A 165 12.31 6.37 10.16
CA ALA A 165 10.97 6.16 10.67
C ALA A 165 10.72 6.98 11.93
N VAL A 166 11.68 6.98 12.84
CA VAL A 166 11.56 7.74 14.08
C VAL A 166 11.48 9.22 13.80
N ASN A 167 12.24 9.69 12.82
CA ASN A 167 12.23 11.12 12.48
C ASN A 167 10.91 11.52 11.85
N TYR A 168 10.31 10.61 11.10
CA TYR A 168 9.00 10.92 10.49
C TYR A 168 7.96 11.09 11.62
N ALA A 169 8.03 10.17 12.57
CA ALA A 169 7.16 10.19 13.73
C ALA A 169 7.40 11.46 14.54
N LYS A 170 8.68 11.82 14.69
CA LYS A 170 9.05 13.02 15.42
C LYS A 170 8.48 14.25 14.72
N ALA A 171 8.45 14.18 13.39
CA ALA A 171 7.93 15.29 12.58
C ALA A 171 6.41 15.41 12.78
N GLY A 172 5.75 14.30 13.08
CA GLY A 172 4.32 14.33 13.29
C GLY A 172 3.52 13.26 12.60
N ALA A 173 4.17 12.32 11.93
CA ALA A 173 3.45 11.25 11.24
C ALA A 173 2.77 10.31 12.23
N HIS A 174 1.52 9.95 11.96
CA HIS A 174 0.81 9.05 12.87
C HIS A 174 1.26 7.60 12.67
N CYS A 175 1.64 7.27 11.44
CA CYS A 175 2.01 5.89 11.15
C CYS A 175 3.15 5.79 10.15
N VAL A 176 3.98 4.76 10.31
CA VAL A 176 5.11 4.49 9.44
C VAL A 176 4.95 3.13 8.77
N ALA A 177 5.22 3.08 7.47
CA ALA A 177 5.10 1.84 6.71
C ALA A 177 6.39 1.48 6.01
N PRO A 178 7.24 0.70 6.68
CA PRO A 178 8.52 0.26 6.11
C PRO A 178 8.33 -0.69 4.93
N SER A 179 8.62 -0.23 3.73
CA SER A 179 8.46 -1.01 2.52
C SER A 179 9.78 -1.56 2.01
N ASP A 180 10.80 -1.57 2.87
CA ASP A 180 12.13 -2.05 2.53
C ASP A 180 12.17 -3.56 2.34
N MET A 181 11.61 -4.29 3.30
CA MET A 181 11.57 -5.75 3.26
C MET A 181 12.87 -6.35 3.79
N ILE A 182 13.74 -5.51 4.35
CA ILE A 182 15.00 -5.99 4.91
C ILE A 182 14.74 -6.72 6.23
N ASP A 183 15.30 -7.91 6.36
CA ASP A 183 15.15 -8.75 7.53
C ASP A 183 15.39 -8.00 8.84
N GLY A 184 14.46 -8.13 9.76
CA GLY A 184 14.51 -7.51 11.06
C GLY A 184 14.36 -6.02 11.23
N ARG A 185 13.98 -5.30 10.19
CA ARG A 185 13.81 -3.86 10.27
C ARG A 185 12.67 -3.45 11.19
N ILE A 186 11.62 -4.26 11.28
CA ILE A 186 10.49 -3.92 12.13
C ILE A 186 10.91 -3.83 13.60
N ARG A 187 11.72 -4.77 14.05
CA ARG A 187 12.18 -4.79 15.43
C ARG A 187 12.95 -3.52 15.79
N ASP A 188 13.90 -3.14 14.93
CA ASP A 188 14.70 -1.96 15.17
C ASP A 188 13.88 -0.69 15.11
N ILE A 189 12.89 -0.66 14.22
CA ILE A 189 12.03 0.52 14.11
C ILE A 189 11.17 0.66 15.37
N LYS A 190 10.68 -0.48 15.86
CA LYS A 190 9.86 -0.47 17.06
C LYS A 190 10.69 -0.02 18.27
N ARG A 191 11.92 -0.54 18.33
CA ARG A 191 12.83 -0.18 19.41
C ARG A 191 13.17 1.31 19.36
N GLY A 192 13.43 1.79 18.15
CA GLY A 192 13.76 3.21 18.02
C GLY A 192 12.58 4.05 18.49
N LEU A 193 11.37 3.66 18.11
CA LEU A 193 10.17 4.37 18.52
C LEU A 193 10.02 4.34 20.03
N ILE A 194 10.28 3.17 20.62
CA ILE A 194 10.18 3.03 22.07
C ILE A 194 11.18 3.94 22.76
N ASN A 195 12.41 3.97 22.24
CA ASN A 195 13.46 4.80 22.80
C ASN A 195 13.16 6.27 22.61
N ALA A 196 12.41 6.61 21.56
CA ALA A 196 12.07 8.01 21.31
C ALA A 196 10.76 8.38 22.00
N ASN A 197 10.21 7.43 22.76
CA ASN A 197 8.96 7.62 23.47
C ASN A 197 7.82 7.98 22.52
N LEU A 198 7.75 7.26 21.41
CA LEU A 198 6.73 7.48 20.41
C LEU A 198 6.00 6.19 20.04
N ALA A 199 6.40 5.09 20.65
CA ALA A 199 5.81 3.79 20.38
C ALA A 199 4.34 3.72 20.74
N HIS A 200 3.87 4.57 21.65
CA HIS A 200 2.47 4.54 22.05
C HIS A 200 1.61 5.44 21.19
N LYS A 201 2.19 6.17 20.25
CA LYS A 201 1.38 7.06 19.41
C LYS A 201 1.64 6.81 17.94
N THR A 202 2.57 5.90 17.64
CA THR A 202 2.91 5.60 16.27
C THR A 202 2.49 4.19 15.87
N PHE A 203 1.60 4.11 14.88
CA PHE A 203 1.14 2.81 14.39
C PHE A 203 2.17 2.25 13.40
N VAL A 204 2.59 1.00 13.59
CA VAL A 204 3.57 0.43 12.67
C VAL A 204 2.90 -0.52 11.68
N LEU A 205 2.73 -0.02 10.46
CA LEU A 205 2.09 -0.76 9.37
C LEU A 205 3.15 -1.30 8.41
N SER A 206 3.56 -2.54 8.65
CA SER A 206 4.62 -3.16 7.90
C SER A 206 4.22 -3.80 6.61
N TYR A 207 5.05 -3.58 5.58
CA TYR A 207 4.78 -4.32 4.31
C TYR A 207 5.39 -5.73 4.52
N ALA A 208 4.67 -6.52 5.31
CA ALA A 208 5.08 -7.87 5.65
C ALA A 208 5.18 -8.78 4.43
N ALA A 209 4.20 -8.68 3.54
CA ALA A 209 4.19 -9.52 2.34
C ALA A 209 4.32 -8.69 1.07
N LYS A 210 5.56 -8.39 0.70
CA LYS A 210 5.87 -7.62 -0.52
C LYS A 210 6.58 -8.53 -1.53
N PHE A 211 5.88 -8.87 -2.60
CA PHE A 211 6.40 -9.75 -3.63
C PHE A 211 7.02 -9.02 -4.80
N SER A 212 8.05 -9.66 -5.37
CA SER A 212 8.69 -9.12 -6.57
C SER A 212 7.87 -9.52 -7.79
N GLY A 213 7.61 -8.56 -8.69
CA GLY A 213 6.81 -8.90 -9.85
C GLY A 213 6.86 -7.89 -10.98
N ASN A 214 5.92 -8.03 -11.89
CA ASN A 214 5.79 -7.18 -13.07
C ASN A 214 4.69 -6.14 -12.89
N LEU A 215 4.34 -5.80 -11.65
CA LEU A 215 3.27 -4.83 -11.45
C LEU A 215 3.72 -3.56 -10.76
N TYR A 216 5.03 -3.32 -10.65
CA TYR A 216 5.50 -2.11 -9.98
C TYR A 216 5.82 -1.01 -11.00
N GLY A 217 5.45 -1.25 -12.25
CA GLY A 217 5.68 -0.33 -13.33
C GLY A 217 5.59 1.16 -13.05
N PRO A 218 4.38 1.70 -13.22
CA PRO A 218 4.03 3.12 -13.05
C PRO A 218 4.74 3.79 -11.90
N PHE A 219 4.82 3.12 -10.75
CA PHE A 219 5.49 3.67 -9.58
C PHE A 219 6.92 4.08 -9.87
N ARG A 220 7.58 3.31 -10.73
CA ARG A 220 8.97 3.60 -11.10
C ARG A 220 9.08 4.98 -11.75
N ASP A 221 7.97 5.42 -12.34
CA ASP A 221 7.92 6.73 -13.00
C ASP A 221 7.61 7.83 -11.98
N ALA A 222 6.53 7.63 -11.24
CA ALA A 222 6.08 8.56 -10.23
C ALA A 222 7.13 8.79 -9.14
N ALA A 223 7.75 7.71 -8.67
CA ALA A 223 8.73 7.81 -7.61
C ALA A 223 10.15 7.91 -8.13
N CYS A 224 10.40 7.47 -9.36
CA CYS A 224 11.76 7.54 -9.90
C CYS A 224 12.71 6.69 -9.06
N SER A 225 12.37 5.42 -8.92
CA SER A 225 13.17 4.48 -8.15
C SER A 225 13.64 3.31 -9.00
N ALA A 226 14.54 3.59 -9.94
CA ALA A 226 15.07 2.55 -10.82
C ALA A 226 16.31 1.90 -10.23
N PRO A 227 16.19 0.59 -9.95
CA PRO A 227 17.32 -0.14 -9.36
C PRO A 227 18.59 -0.01 -10.20
N SER A 228 19.74 0.05 -9.54
CA SER A 228 21.00 0.18 -10.24
C SER A 228 21.83 -1.11 -10.16
N ASN A 229 21.85 -1.84 -11.27
CA ASN A 229 22.58 -3.08 -11.37
C ASN A 229 21.99 -4.17 -10.49
N GLY A 230 21.42 -5.20 -11.11
CA GLY A 230 20.83 -6.29 -10.36
C GLY A 230 19.33 -6.20 -10.19
N ASP A 231 18.75 -7.24 -9.59
CA ASP A 231 17.32 -7.31 -9.37
C ASP A 231 16.97 -7.10 -7.90
N ARG A 232 15.76 -6.62 -7.66
CA ARG A 232 15.27 -6.38 -6.30
C ARG A 232 14.79 -7.69 -5.67
N LYS A 233 14.97 -8.77 -6.42
CA LYS A 233 14.58 -10.10 -5.99
C LYS A 233 15.46 -10.62 -4.87
N CYS A 234 16.19 -9.71 -4.22
CA CYS A 234 17.07 -10.08 -3.13
C CYS A 234 16.36 -10.00 -1.77
N TYR A 235 15.44 -9.06 -1.64
N TYR A 235 15.47 -8.93 -1.77
CA TYR A 235 14.63 -8.79 -0.48
CA TYR A 235 14.67 -9.01 -0.56
C TYR A 235 13.15 -9.05 -0.79
C TYR A 235 13.19 -9.14 -0.85
N GLN A 236 12.70 -8.62 -1.96
CA GLN A 236 11.30 -8.85 -2.33
C GLN A 236 11.02 -10.34 -2.48
N LEU A 237 9.97 -10.81 -1.82
CA LEU A 237 9.58 -12.21 -1.85
C LEU A 237 9.34 -12.72 -3.27
N PRO A 238 9.75 -13.97 -3.51
CA PRO A 238 9.50 -14.57 -4.84
C PRO A 238 7.99 -14.84 -5.00
N PRO A 239 7.46 -14.60 -6.19
CA PRO A 239 6.04 -14.79 -6.43
C PRO A 239 5.50 -16.11 -5.92
N ALA A 240 6.27 -17.19 -5.97
CA ALA A 240 5.80 -18.48 -5.51
C ALA A 240 6.12 -18.73 -4.05
N GLY A 241 6.87 -17.85 -3.40
CA GLY A 241 7.22 -18.02 -2.01
C GLY A 241 6.13 -17.84 -0.96
N ARG A 242 5.20 -18.78 -0.89
CA ARG A 242 4.13 -18.69 0.11
C ARG A 242 4.67 -18.96 1.51
N GLY A 243 5.52 -19.97 1.63
CA GLY A 243 6.11 -20.32 2.91
C GLY A 243 6.87 -19.14 3.50
N LEU A 244 7.66 -18.48 2.67
CA LEU A 244 8.43 -17.33 3.14
C LEU A 244 7.49 -16.20 3.55
N ALA A 245 6.45 -16.00 2.76
CA ALA A 245 5.48 -14.94 3.05
C ALA A 245 4.83 -15.16 4.42
N ARG A 246 4.46 -16.42 4.69
CA ARG A 246 3.84 -16.78 5.96
C ARG A 246 4.80 -16.55 7.12
N ARG A 247 6.07 -16.86 6.91
CA ARG A 247 7.08 -16.66 7.95
C ARG A 247 7.36 -15.18 8.16
N ALA A 248 7.32 -14.39 7.08
CA ALA A 248 7.56 -12.95 7.20
C ALA A 248 6.41 -12.28 7.96
N LEU A 249 5.21 -12.79 7.72
CA LEU A 249 4.02 -12.24 8.39
C LEU A 249 4.14 -12.46 9.90
N GLU A 250 4.49 -13.70 10.26
CA GLU A 250 4.64 -14.04 11.67
C GLU A 250 5.79 -13.25 12.29
N ARG A 251 6.89 -13.14 11.56
CA ARG A 251 8.05 -12.41 12.05
C ARG A 251 7.72 -10.96 12.36
N ASP A 252 7.19 -10.25 11.35
CA ASP A 252 6.87 -8.85 11.51
C ASP A 252 5.91 -8.59 12.64
N MET A 253 4.92 -9.47 12.79
CA MET A 253 3.95 -9.32 13.87
C MET A 253 4.66 -9.41 15.23
N SER A 254 5.50 -10.43 15.35
CA SER A 254 6.25 -10.67 16.57
C SER A 254 7.26 -9.55 16.85
N GLU A 255 7.66 -8.84 15.80
CA GLU A 255 8.60 -7.74 15.92
C GLU A 255 7.96 -6.41 16.25
N GLY A 256 6.64 -6.40 16.43
CA GLY A 256 5.99 -5.14 16.77
C GLY A 256 5.05 -4.50 15.78
N ALA A 257 4.81 -5.12 14.62
CA ALA A 257 3.90 -4.52 13.65
C ALA A 257 2.49 -4.43 14.23
N ASP A 258 1.83 -3.29 14.03
CA ASP A 258 0.47 -3.11 14.55
C ASP A 258 -0.55 -3.47 13.47
N GLY A 259 -0.05 -3.55 12.25
CA GLY A 259 -0.88 -3.89 11.10
C GLY A 259 0.05 -4.35 9.99
N ILE A 260 -0.48 -5.00 8.97
CA ILE A 260 0.36 -5.45 7.88
C ILE A 260 -0.23 -5.13 6.52
N ILE A 261 0.67 -4.99 5.54
CA ILE A 261 0.26 -4.70 4.18
C ILE A 261 0.68 -5.83 3.24
N VAL A 262 -0.25 -6.19 2.37
CA VAL A 262 0.00 -7.23 1.36
C VAL A 262 0.07 -6.53 0.00
N LYS A 263 1.20 -6.67 -0.67
CA LYS A 263 1.37 -6.00 -1.97
C LYS A 263 2.23 -6.83 -2.89
N PRO A 264 1.78 -7.06 -4.14
CA PRO A 264 0.51 -6.56 -4.70
C PRO A 264 -0.70 -7.11 -3.98
N SER A 265 -1.89 -6.82 -4.49
CA SER A 265 -3.14 -7.23 -3.88
C SER A 265 -3.89 -8.30 -4.63
N THR A 266 -4.57 -7.93 -5.71
CA THR A 266 -5.35 -8.83 -6.53
C THR A 266 -4.62 -10.12 -6.89
N PHE A 267 -3.40 -9.99 -7.38
CA PHE A 267 -2.59 -11.14 -7.77
C PHE A 267 -2.05 -11.91 -6.58
N TYR A 268 -2.36 -11.46 -5.36
CA TYR A 268 -1.87 -12.13 -4.17
C TYR A 268 -2.96 -12.28 -3.12
N LEU A 269 -4.20 -12.39 -3.58
CA LEU A 269 -5.35 -12.54 -2.71
C LEU A 269 -5.23 -13.73 -1.77
N ASP A 270 -4.59 -14.81 -2.23
CA ASP A 270 -4.45 -15.98 -1.35
C ASP A 270 -3.54 -15.64 -0.17
N ILE A 271 -2.59 -14.76 -0.41
CA ILE A 271 -1.68 -14.35 0.66
C ILE A 271 -2.41 -13.52 1.70
N MET A 272 -3.41 -12.77 1.26
CA MET A 272 -4.20 -11.95 2.21
C MET A 272 -4.99 -12.90 3.13
N ARG A 273 -5.44 -13.99 2.52
CA ARG A 273 -6.20 -15.03 3.22
C ARG A 273 -5.31 -15.68 4.28
N ASP A 274 -4.04 -15.89 3.95
CA ASP A 274 -3.08 -16.48 4.89
C ASP A 274 -2.82 -15.52 6.05
N ALA A 275 -2.63 -14.25 5.72
CA ALA A 275 -2.38 -13.21 6.71
C ALA A 275 -3.57 -13.05 7.65
N SER A 276 -4.77 -13.26 7.11
CA SER A 276 -5.97 -13.13 7.92
C SER A 276 -6.03 -14.17 9.03
N GLU A 277 -5.32 -15.28 8.83
CA GLU A 277 -5.30 -16.32 9.87
C GLU A 277 -4.12 -16.10 10.82
N ILE A 278 -2.95 -15.90 10.22
CA ILE A 278 -1.73 -15.68 11.00
C ILE A 278 -1.82 -14.39 11.82
N CYS A 279 -2.24 -13.31 11.16
CA CYS A 279 -2.39 -12.00 11.79
C CYS A 279 -3.86 -11.67 12.01
N LYS A 280 -4.63 -12.66 12.45
CA LYS A 280 -6.05 -12.50 12.69
C LYS A 280 -6.36 -11.35 13.63
N ASP A 281 -5.48 -11.04 14.57
CA ASP A 281 -5.76 -9.97 15.52
C ASP A 281 -5.28 -8.61 15.04
N LEU A 282 -4.66 -8.54 13.86
CA LEU A 282 -4.17 -7.25 13.38
C LEU A 282 -4.90 -6.81 12.12
N PRO A 283 -4.99 -5.48 11.93
CA PRO A 283 -5.65 -4.99 10.71
C PRO A 283 -4.80 -5.33 9.48
N ILE A 284 -5.42 -5.85 8.43
CA ILE A 284 -4.69 -6.19 7.21
C ILE A 284 -5.00 -5.19 6.11
N CYS A 285 -3.97 -4.68 5.46
CA CYS A 285 -4.14 -3.69 4.41
C CYS A 285 -3.70 -4.23 3.05
N ALA A 286 -4.51 -3.96 2.04
CA ALA A 286 -4.21 -4.38 0.67
C ALA A 286 -3.67 -3.18 -0.13
N TYR A 287 -2.60 -3.40 -0.89
CA TYR A 287 -2.03 -2.32 -1.68
C TYR A 287 -2.24 -2.54 -3.17
N HIS A 288 -3.21 -1.80 -3.72
CA HIS A 288 -3.49 -1.91 -5.17
C HIS A 288 -2.40 -1.14 -5.93
N VAL A 289 -1.30 -1.81 -6.22
CA VAL A 289 -0.17 -1.24 -6.89
C VAL A 289 -0.47 -0.61 -8.23
N SER A 290 0.45 0.26 -8.64
CA SER A 290 0.40 1.00 -9.88
C SER A 290 0.11 0.09 -11.08
N GLY A 291 0.82 -1.03 -11.14
CA GLY A 291 0.65 -1.99 -12.21
C GLY A 291 -0.75 -2.57 -12.30
N GLU A 292 -1.34 -2.89 -11.15
CA GLU A 292 -2.70 -3.44 -11.14
C GLU A 292 -3.70 -2.36 -11.53
N TYR A 293 -3.48 -1.17 -10.97
CA TYR A 293 -4.30 0.01 -11.22
C TYR A 293 -4.28 0.37 -12.70
N ALA A 294 -3.08 0.39 -13.27
CA ALA A 294 -2.92 0.72 -14.69
C ALA A 294 -3.52 -0.39 -15.56
N MET A 295 -3.43 -1.62 -15.06
CA MET A 295 -3.97 -2.76 -15.78
C MET A 295 -5.48 -2.67 -15.92
N LEU A 296 -6.14 -2.17 -14.88
CA LEU A 296 -7.60 -2.03 -14.93
C LEU A 296 -7.98 -0.95 -15.94
N HIS A 297 -7.27 0.17 -15.89
CA HIS A 297 -7.55 1.27 -16.81
C HIS A 297 -7.34 0.83 -18.26
N ALA A 298 -6.25 0.11 -18.49
CA ALA A 298 -5.94 -0.38 -19.82
C ALA A 298 -7.06 -1.26 -20.36
N ALA A 299 -7.45 -2.26 -19.57
CA ALA A 299 -8.50 -3.19 -19.96
C ALA A 299 -9.83 -2.47 -20.15
N ALA A 300 -10.07 -1.46 -19.33
CA ALA A 300 -11.32 -0.70 -19.46
C ALA A 300 -11.33 0.07 -20.79
N GLU A 301 -10.18 0.67 -21.10
CA GLU A 301 -10.04 1.43 -22.34
C GLU A 301 -10.28 0.53 -23.55
N LYS A 302 -9.80 -0.71 -23.48
CA LYS A 302 -9.97 -1.65 -24.58
C LYS A 302 -11.35 -2.30 -24.53
N GLY A 303 -12.23 -1.73 -23.72
CA GLY A 303 -13.57 -2.25 -23.59
C GLY A 303 -13.65 -3.68 -23.13
N VAL A 304 -12.60 -4.15 -22.47
CA VAL A 304 -12.56 -5.52 -21.95
C VAL A 304 -13.39 -5.63 -20.67
N VAL A 305 -13.52 -4.52 -19.96
CA VAL A 305 -14.28 -4.45 -18.73
C VAL A 305 -14.67 -3.01 -18.39
N ASP A 306 -15.61 -2.87 -17.47
CA ASP A 306 -16.05 -1.54 -17.04
C ASP A 306 -15.28 -1.13 -15.77
N LEU A 307 -14.62 0.02 -15.83
CA LEU A 307 -13.83 0.55 -14.76
C LEU A 307 -14.50 0.51 -13.41
N LYS A 308 -15.64 1.17 -13.24
CA LYS A 308 -16.32 1.18 -11.96
C LYS A 308 -16.63 -0.22 -11.46
N THR A 309 -17.14 -1.05 -12.36
CA THR A 309 -17.50 -2.43 -12.06
C THR A 309 -16.31 -3.24 -11.58
N ILE A 310 -15.29 -3.35 -12.43
CA ILE A 310 -14.09 -4.11 -12.08
C ILE A 310 -13.36 -3.49 -10.90
N ALA A 311 -13.48 -2.17 -10.73
CA ALA A 311 -12.82 -1.52 -9.59
C ALA A 311 -13.47 -2.01 -8.29
N PHE A 312 -14.79 -2.16 -8.34
CA PHE A 312 -15.58 -2.64 -7.21
C PHE A 312 -15.33 -4.13 -6.96
N GLU A 313 -15.27 -4.91 -8.04
CA GLU A 313 -15.03 -6.34 -7.90
C GLU A 313 -13.68 -6.62 -7.25
N SER A 314 -12.65 -5.93 -7.72
CA SER A 314 -11.30 -6.11 -7.21
C SER A 314 -11.19 -5.67 -5.75
N HIS A 315 -11.76 -4.51 -5.42
CA HIS A 315 -11.68 -4.00 -4.07
C HIS A 315 -12.48 -4.81 -3.08
N GLN A 316 -13.67 -5.25 -3.65
N GLN A 316 -13.64 -5.31 -3.46
CA GLN A 316 -14.40 -6.03 -2.67
CA GLN A 316 -14.47 -6.15 -2.59
C GLN A 316 -13.81 -7.42 -2.49
C GLN A 316 -13.76 -7.50 -2.40
N GLY A 317 -12.92 -7.80 -3.39
CA GLY A 317 -12.13 -9.02 -3.34
C GLY A 317 -11.11 -8.91 -2.22
N PHE A 318 -10.60 -7.70 -2.02
CA PHE A 318 -9.62 -7.49 -0.95
C PHE A 318 -10.30 -7.76 0.41
N LEU A 319 -11.48 -7.17 0.57
CA LEU A 319 -12.24 -7.33 1.81
C LEU A 319 -12.62 -8.79 2.03
N ARG A 320 -12.99 -9.45 0.93
CA ARG A 320 -13.35 -10.87 1.02
C ARG A 320 -12.16 -11.71 1.48
N ALA A 321 -10.99 -11.41 0.93
CA ALA A 321 -9.78 -12.15 1.28
C ALA A 321 -9.33 -11.85 2.70
N GLY A 322 -9.98 -10.92 3.38
CA GLY A 322 -9.60 -10.61 4.75
C GLY A 322 -9.11 -9.23 5.09
N ALA A 323 -8.85 -8.38 4.10
CA ALA A 323 -8.35 -7.04 4.37
C ALA A 323 -9.47 -6.13 4.87
N ARG A 324 -9.09 -5.14 5.69
CA ARG A 324 -10.05 -4.19 6.21
C ARG A 324 -9.60 -2.76 5.97
N LEU A 325 -8.52 -2.65 5.19
CA LEU A 325 -7.93 -1.38 4.80
C LEU A 325 -7.46 -1.45 3.35
N ILE A 326 -7.51 -0.34 2.61
CA ILE A 326 -7.07 -0.43 1.22
C ILE A 326 -6.32 0.81 0.77
N ILE A 327 -5.09 0.59 0.31
CA ILE A 327 -4.29 1.70 -0.25
C ILE A 327 -4.50 1.65 -1.78
N THR A 328 -5.24 2.61 -2.32
CA THR A 328 -5.52 2.56 -3.76
C THR A 328 -5.53 3.95 -4.39
N TYR A 329 -5.22 3.98 -5.67
CA TYR A 329 -5.20 5.22 -6.45
C TYR A 329 -6.61 5.55 -6.94
N LEU A 330 -7.53 4.62 -6.68
CA LEU A 330 -8.93 4.78 -7.08
C LEU A 330 -9.75 5.38 -5.94
N ALA A 331 -9.08 5.79 -4.88
CA ALA A 331 -9.72 6.38 -3.73
C ALA A 331 -10.63 7.54 -4.10
N PRO A 332 -10.11 8.52 -4.86
CA PRO A 332 -10.93 9.67 -5.25
C PRO A 332 -12.25 9.20 -5.86
N GLU A 333 -12.19 8.18 -6.69
CA GLU A 333 -13.39 7.64 -7.34
C GLU A 333 -14.34 7.03 -6.31
N PHE A 334 -13.81 6.16 -5.47
CA PHE A 334 -14.62 5.49 -4.45
C PHE A 334 -15.29 6.49 -3.52
N LEU A 335 -14.61 7.61 -3.26
CA LEU A 335 -15.18 8.63 -2.39
C LEU A 335 -16.47 9.19 -2.98
N ASP A 336 -16.66 8.96 -4.28
CA ASP A 336 -17.84 9.40 -5.01
C ASP A 336 -18.88 8.27 -5.06
N TRP A 337 -18.41 7.13 -5.53
CA TRP A 337 -19.17 5.91 -5.70
C TRP A 337 -19.85 5.46 -4.41
N LEU A 338 -19.09 5.49 -3.30
CA LEU A 338 -19.63 5.05 -2.03
C LEU A 338 -20.78 5.90 -1.55
N ASP A 339 -21.03 7.00 -2.25
CA ASP A 339 -22.12 7.91 -1.90
C ASP A 339 -23.46 7.41 -2.43
N GLU A 340 -23.41 6.75 -3.59
CA GLU A 340 -24.61 6.21 -4.24
C GLU A 340 -24.97 4.83 -3.70
CA SHO B . 4.09 0.65 -5.56
CA SHO B . 3.76 0.74 -5.08
CB SHO B . 3.98 1.08 -4.11
CB SHO B . 5.13 0.10 -5.20
CG SHO B . 5.04 0.40 -3.26
CG SHO B . 5.73 -0.23 -3.85
CD SHO B . 6.23 1.23 -2.80
CD SHO B . 7.02 0.47 -3.47
C SHO B . 2.90 1.14 -6.37
C SHO B . 3.12 0.96 -6.44
O SHO B . 1.92 1.61 -5.75
O SHO B . 2.14 1.72 -6.51
OE1 SHO B . 6.31 1.29 -1.39
OE1 SHO B . 7.14 0.61 -2.06
OXT SHO B . 2.94 1.05 -7.61
OXT SHO B . 3.62 0.38 -7.43
ZN ZN C . 12.21 1.07 -1.28
#